data_9MAU
#
_entry.id   9MAU
#
_cell.length_a   1.00
_cell.length_b   1.00
_cell.length_c   1.00
_cell.angle_alpha   90.00
_cell.angle_beta   90.00
_cell.angle_gamma   90.00
#
_symmetry.space_group_name_H-M   'P 1'
#
_entity_poly.entity_id   1
_entity_poly.type   'polypeptide(L)'
_entity_poly.pdbx_seq_one_letter_code
;MAFNDLLQQVGGVGRFQQIQVTLVVLPLLLMASHNTLQNFTAAIPTHHCRPPADANLSKNGGLEVWLPRDRQGQPESCLR
FTSPQWGLPFLNGTEANGTGATEPCTDGWIYDNSTFPSTIVTEWDLVCSHRALRQLAQSLYMVGVLLGAMVFGYLADRLG
RRKVLILNYLQTAVSGTCAAFAPNFPIYCAFRLLSGMALAGISLNCMTLNVEWMPIHTRACVGTLIGYVYSLGQFLLAGV
AYAVPHWRHLQLLVSAPFFAFFIYSWFFIESARWHSSSGRLDLTLRALQRVARINGKREEGAKLSMEVLRASLQKELTMG
KGQASAMELLRCPTLRHLFLCLSMLWFATSFAYYGLVMDLQGFGVSIYLIQVIFGAVDLPAKLVGFLVINSLGRRPAQMA
ALLLAGICILLNGVIPQDQSIVRTSLAVLGKGCLAASFNCIFLYTGELYPTMIRQTGMGMGSTMARVGSIVSPLVSMTAE
LYPSMPLFIYGAVPVAASAVTVLLPETLGQPLPDTVQDLESRKGKQTRQQQEHQKYMVPLQASAQEKNGLHHHHHHHHHH
GSVEDYKDDDDK
;
_entity_poly.pdbx_strand_id   A
#
# COMPACT_ATOMS: atom_id res chain seq x y z
N MET A 1 -27.81 -20.06 5.06
CA MET A 1 -26.94 -19.99 3.90
C MET A 1 -27.74 -19.77 2.61
N ALA A 2 -28.44 -18.63 2.53
CA ALA A 2 -29.25 -18.37 1.36
C ALA A 2 -29.33 -16.90 1.01
N PHE A 3 -28.45 -16.09 1.57
CA PHE A 3 -28.44 -14.68 1.17
C PHE A 3 -28.05 -14.64 -0.29
N ASN A 4 -27.09 -15.48 -0.66
CA ASN A 4 -26.69 -15.53 -2.05
C ASN A 4 -27.82 -16.11 -2.87
N ASP A 5 -28.92 -16.49 -2.23
CA ASP A 5 -30.04 -16.95 -3.03
C ASP A 5 -30.95 -15.76 -3.16
N LEU A 6 -30.89 -14.87 -2.18
CA LEU A 6 -31.70 -13.65 -2.21
C LEU A 6 -31.08 -12.55 -3.07
N LEU A 7 -29.75 -12.41 -3.03
CA LEU A 7 -29.09 -11.39 -3.81
C LEU A 7 -29.36 -11.69 -5.25
N GLN A 8 -29.28 -12.97 -5.63
CA GLN A 8 -29.55 -13.36 -7.01
C GLN A 8 -31.00 -13.20 -7.40
N GLN A 9 -31.92 -13.39 -6.45
CA GLN A 9 -33.34 -13.16 -6.73
C GLN A 9 -33.50 -11.72 -7.09
N VAL A 10 -32.80 -10.85 -6.36
CA VAL A 10 -32.89 -9.41 -6.59
C VAL A 10 -31.81 -9.03 -7.61
N GLY A 11 -31.92 -9.51 -8.85
CA GLY A 11 -31.01 -9.10 -9.92
C GLY A 11 -29.60 -9.62 -10.03
N GLY A 12 -29.06 -10.30 -9.03
CA GLY A 12 -27.67 -10.70 -9.05
C GLY A 12 -26.79 -9.50 -9.31
N VAL A 13 -25.95 -9.50 -10.36
CA VAL A 13 -25.18 -8.32 -10.73
C VAL A 13 -26.12 -7.56 -11.66
N GLY A 14 -26.45 -6.31 -11.36
CA GLY A 14 -27.39 -5.55 -12.15
C GLY A 14 -27.06 -4.11 -11.95
N ARG A 15 -27.93 -3.18 -12.33
CA ARG A 15 -27.60 -1.77 -12.25
C ARG A 15 -26.99 -1.38 -10.92
N PHE A 16 -27.57 -1.79 -9.80
CA PHE A 16 -27.03 -1.33 -8.52
C PHE A 16 -25.59 -1.76 -8.30
N GLN A 17 -25.23 -3.01 -8.59
CA GLN A 17 -23.89 -3.48 -8.41
C GLN A 17 -22.92 -2.83 -9.39
N GLN A 18 -23.35 -2.63 -10.63
CA GLN A 18 -22.51 -1.93 -11.59
C GLN A 18 -22.24 -0.48 -11.14
N ILE A 19 -23.27 0.26 -10.76
CA ILE A 19 -23.13 1.66 -10.34
C ILE A 19 -22.32 1.76 -9.05
N GLN A 20 -22.75 1.09 -8.00
CA GLN A 20 -22.06 1.18 -6.71
C GLN A 20 -20.65 0.65 -6.76
N VAL A 21 -20.36 -0.43 -7.45
CA VAL A 21 -19.00 -0.97 -7.41
C VAL A 21 -18.07 -0.02 -8.18
N THR A 22 -18.49 0.51 -9.31
CA THR A 22 -17.68 1.50 -10.02
C THR A 22 -17.33 2.60 -9.05
N LEU A 23 -18.32 3.16 -8.38
CA LEU A 23 -18.11 4.26 -7.46
C LEU A 23 -17.25 3.95 -6.24
N VAL A 24 -17.39 2.75 -5.69
CA VAL A 24 -16.63 2.37 -4.48
C VAL A 24 -15.18 1.99 -4.82
N VAL A 25 -14.89 1.53 -6.05
CA VAL A 25 -13.51 1.21 -6.48
C VAL A 25 -12.76 2.40 -7.10
N LEU A 26 -13.47 3.46 -7.45
CA LEU A 26 -12.82 4.67 -7.97
C LEU A 26 -11.85 5.33 -6.98
N PRO A 27 -12.17 5.36 -5.68
CA PRO A 27 -11.20 5.88 -4.72
C PRO A 27 -9.91 5.10 -4.70
N LEU A 28 -9.96 3.78 -4.90
CA LEU A 28 -8.78 2.94 -4.83
C LEU A 28 -7.74 3.27 -5.89
N LEU A 29 -8.12 4.07 -6.87
CA LEU A 29 -7.17 4.53 -7.87
C LEU A 29 -6.12 5.38 -7.18
N LEU A 30 -6.53 6.17 -6.19
CA LEU A 30 -5.61 7.09 -5.52
C LEU A 30 -4.97 6.57 -4.24
N MET A 31 -5.06 5.26 -3.99
CA MET A 31 -4.41 4.65 -2.85
C MET A 31 -2.95 4.54 -3.18
N ALA A 32 -2.63 4.14 -4.40
CA ALA A 32 -1.24 4.06 -4.82
C ALA A 32 -0.66 5.43 -4.79
N SER A 33 -1.43 6.42 -5.20
CA SER A 33 -0.94 7.78 -5.25
C SER A 33 -0.54 8.26 -3.88
N HIS A 34 -1.28 7.91 -2.84
CA HIS A 34 -0.94 8.29 -1.46
C HIS A 34 0.15 7.47 -0.80
N ASN A 35 0.11 6.15 -0.94
CA ASN A 35 1.10 5.27 -0.33
C ASN A 35 2.48 5.63 -0.79
N THR A 36 2.67 5.83 -2.09
CA THR A 36 3.99 6.11 -2.66
C THR A 36 4.15 7.57 -3.06
N LEU A 37 3.38 8.47 -2.47
CA LEU A 37 3.43 9.88 -2.79
C LEU A 37 4.75 10.44 -2.42
N GLN A 38 5.38 9.95 -1.36
CA GLN A 38 6.60 10.59 -0.89
C GLN A 38 7.80 10.33 -1.76
N ASN A 39 7.62 9.67 -2.89
CA ASN A 39 8.74 9.49 -3.79
C ASN A 39 8.80 10.75 -4.60
N PHE A 40 7.65 11.39 -4.76
CA PHE A 40 7.58 12.67 -5.48
C PHE A 40 7.44 13.91 -4.57
N THR A 41 6.71 13.82 -3.46
CA THR A 41 6.56 14.95 -2.54
C THR A 41 7.75 15.09 -1.63
N ALA A 42 8.61 14.07 -1.52
CA ALA A 42 9.81 14.13 -0.70
C ALA A 42 11.08 13.86 -1.44
N ALA A 43 11.09 13.99 -2.75
CA ALA A 43 12.28 13.69 -3.53
C ALA A 43 13.40 14.52 -3.01
N ILE A 44 14.62 14.03 -3.10
CA ILE A 44 15.77 14.75 -2.56
C ILE A 44 16.49 15.49 -3.68
N PRO A 45 16.33 16.82 -3.78
CA PRO A 45 17.11 17.52 -4.79
C PRO A 45 18.56 17.54 -4.38
N THR A 46 19.48 17.71 -5.32
CA THR A 46 20.89 17.81 -4.98
C THR A 46 21.11 19.03 -4.14
N HIS A 47 21.72 18.91 -2.98
CA HIS A 47 21.85 20.03 -2.08
C HIS A 47 23.29 20.19 -1.81
N HIS A 48 23.77 21.42 -1.74
CA HIS A 48 25.14 21.68 -1.40
C HIS A 48 24.98 22.80 -0.46
N CYS A 49 25.94 23.02 0.39
CA CYS A 49 25.80 24.05 1.40
C CYS A 49 25.79 25.45 0.89
N ARG A 50 25.08 26.32 1.60
CA ARG A 50 25.02 27.72 1.20
C ARG A 50 26.31 28.38 1.66
N PRO A 51 27.02 29.07 0.73
CA PRO A 51 28.23 29.78 1.14
C PRO A 51 27.88 30.86 2.14
N PRO A 52 28.82 31.24 3.01
CA PRO A 52 28.48 32.21 4.06
C PRO A 52 27.99 33.52 3.46
N ALA A 53 26.93 34.09 4.03
CA ALA A 53 26.34 35.30 3.47
C ALA A 53 27.31 36.46 3.38
N ASP A 54 28.14 36.63 4.40
CA ASP A 54 29.09 37.74 4.40
C ASP A 54 30.00 37.64 3.21
N ALA A 55 30.40 36.42 2.88
CA ALA A 55 31.28 36.21 1.73
C ALA A 55 30.62 36.60 0.43
N ASN A 56 31.35 37.27 -0.47
CA ASN A 56 30.78 37.73 -1.74
C ASN A 56 31.21 36.73 -2.77
N LEU A 57 30.27 36.21 -3.55
CA LEU A 57 30.59 35.19 -4.55
C LEU A 57 31.24 35.78 -5.78
N SER A 58 30.89 37.02 -6.14
CA SER A 58 31.54 37.68 -7.26
C SER A 58 33.02 37.80 -6.96
N LYS A 59 33.34 38.17 -5.73
CA LYS A 59 34.74 38.30 -5.32
C LYS A 59 35.40 36.95 -5.17
N ASN A 60 34.70 35.98 -4.56
CA ASN A 60 35.30 34.66 -4.27
C ASN A 60 35.04 33.59 -5.33
N GLY A 61 34.60 33.99 -6.52
CA GLY A 61 34.41 33.03 -7.59
C GLY A 61 33.42 31.92 -7.34
N GLY A 62 32.35 32.20 -6.60
CA GLY A 62 31.30 31.21 -6.42
C GLY A 62 31.51 30.03 -5.49
N LEU A 63 30.71 28.98 -5.69
CA LEU A 63 30.80 27.79 -4.85
C LEU A 63 32.18 27.15 -4.79
N GLU A 64 32.99 27.28 -5.83
CA GLU A 64 34.29 26.59 -5.83
C GLU A 64 35.07 26.83 -4.54
N VAL A 65 35.17 28.09 -4.10
CA VAL A 65 35.99 28.44 -2.93
C VAL A 65 35.37 28.02 -1.62
N TRP A 66 34.04 27.96 -1.54
CA TRP A 66 33.37 27.67 -0.27
C TRP A 66 32.81 26.27 -0.09
N LEU A 67 33.06 25.37 -1.03
CA LEU A 67 32.53 24.01 -0.94
C LEU A 67 33.55 22.88 -1.08
N PRO A 68 33.69 22.02 -0.04
CA PRO A 68 34.61 20.89 -0.20
C PRO A 68 34.08 19.91 -1.23
N ARG A 69 34.94 19.27 -2.04
CA ARG A 69 34.47 18.36 -3.10
C ARG A 69 34.70 16.89 -2.76
N ASP A 70 33.73 16.04 -3.05
CA ASP A 70 33.84 14.60 -2.78
C ASP A 70 34.63 13.92 -3.90
N ARG A 71 34.91 12.63 -3.76
CA ARG A 71 35.63 11.89 -4.81
C ARG A 71 35.02 12.11 -6.20
N GLN A 72 33.69 12.15 -6.30
CA GLN A 72 33.02 12.38 -7.59
C GLN A 72 33.35 13.72 -8.24
N GLY A 73 33.86 14.67 -7.46
CA GLY A 73 34.16 16.01 -7.96
C GLY A 73 32.94 16.90 -7.91
N GLN A 74 31.86 16.46 -7.27
CA GLN A 74 30.66 17.26 -7.12
C GLN A 74 30.71 17.93 -5.76
N PRO A 75 30.06 19.11 -5.59
CA PRO A 75 30.18 19.74 -4.28
C PRO A 75 29.59 18.90 -3.14
N GLU A 76 30.27 18.81 -2.01
CA GLU A 76 29.80 17.99 -0.89
C GLU A 76 28.53 18.55 -0.28
N SER A 77 27.55 17.68 -0.04
CA SER A 77 26.27 18.12 0.50
C SER A 77 26.21 18.70 1.89
N CYS A 78 26.94 18.12 2.84
CA CYS A 78 26.83 18.53 4.24
C CYS A 78 27.95 19.35 4.86
N LEU A 79 28.88 19.85 4.06
CA LEU A 79 30.00 20.61 4.58
C LEU A 79 30.35 21.83 3.78
N ARG A 80 30.90 22.85 4.42
CA ARG A 80 31.34 24.06 3.73
C ARG A 80 32.65 24.45 4.37
N PHE A 81 33.53 25.13 3.67
CA PHE A 81 34.83 25.47 4.22
C PHE A 81 34.70 26.54 5.27
N THR A 82 35.44 26.44 6.37
CA THR A 82 35.39 27.44 7.42
C THR A 82 35.94 28.76 6.93
N SER A 83 37.02 28.71 6.17
CA SER A 83 37.65 29.94 5.70
C SER A 83 37.77 29.82 4.21
N PRO A 84 37.83 30.96 3.47
CA PRO A 84 37.84 30.77 2.01
C PRO A 84 39.11 30.10 1.49
N GLN A 85 38.99 28.93 0.87
CA GLN A 85 40.14 28.22 0.32
C GLN A 85 40.33 28.52 -1.17
N TRP A 86 41.49 29.07 -1.57
CA TRP A 86 41.74 29.40 -2.97
C TRP A 86 42.62 28.34 -3.62
N GLY A 87 42.21 27.86 -4.79
CA GLY A 87 42.97 26.82 -5.48
C GLY A 87 42.80 25.47 -4.82
N THR A 99 42.84 20.12 2.63
CA THR A 99 42.99 19.94 4.08
C THR A 99 42.28 21.05 4.81
N GLY A 100 41.50 21.85 4.10
CA GLY A 100 40.81 22.97 4.71
C GLY A 100 39.78 22.55 5.73
N ALA A 101 39.66 23.32 6.80
CA ALA A 101 38.69 23.00 7.84
C ALA A 101 37.29 23.07 7.29
N THR A 102 36.46 22.11 7.68
CA THR A 102 35.10 22.09 7.21
C THR A 102 34.10 22.25 8.34
N GLU A 103 33.19 23.22 8.24
CA GLU A 103 32.21 23.44 9.29
C GLU A 103 30.88 22.93 8.79
N PRO A 104 30.03 22.45 9.73
CA PRO A 104 28.69 22.07 9.29
C PRO A 104 28.08 23.33 8.76
N CYS A 105 27.03 23.23 7.96
CA CYS A 105 26.51 24.45 7.35
C CYS A 105 25.39 25.12 8.13
N THR A 106 25.72 26.26 8.75
CA THR A 106 24.74 26.98 9.54
C THR A 106 23.81 27.77 8.65
N ASP A 107 24.33 28.33 7.56
CA ASP A 107 23.48 29.19 6.73
C ASP A 107 22.53 28.48 5.77
N GLY A 108 22.32 27.18 5.92
CA GLY A 108 21.34 26.48 5.11
C GLY A 108 21.90 25.87 3.87
N TRP A 109 21.02 25.35 3.01
CA TRP A 109 21.49 24.65 1.82
C TRP A 109 20.88 25.23 0.57
N ILE A 110 21.57 25.11 -0.56
CA ILE A 110 21.02 25.55 -1.83
C ILE A 110 20.67 24.30 -2.57
N TYR A 111 19.41 24.15 -2.96
CA TYR A 111 18.97 22.92 -3.59
C TYR A 111 18.75 23.12 -5.07
N ASP A 112 19.11 22.13 -5.87
CA ASP A 112 18.89 22.22 -7.30
C ASP A 112 17.39 22.29 -7.57
N ASN A 113 16.95 23.23 -8.41
CA ASN A 113 15.53 23.40 -8.72
C ASN A 113 15.18 22.91 -10.11
N SER A 114 16.10 22.24 -10.78
CA SER A 114 15.87 21.79 -12.14
C SER A 114 14.75 20.78 -12.21
N THR A 115 14.81 19.76 -11.38
CA THR A 115 13.81 18.69 -11.42
C THR A 115 12.71 18.89 -10.40
N PHE A 116 13.07 19.22 -9.16
CA PHE A 116 12.10 19.34 -8.08
C PHE A 116 12.00 20.77 -7.54
N PRO A 117 10.95 21.53 -7.93
CA PRO A 117 10.89 22.88 -7.36
C PRO A 117 10.87 22.86 -5.83
N SER A 118 9.94 22.12 -5.23
CA SER A 118 9.85 22.03 -3.79
C SER A 118 9.47 20.63 -3.40
N THR A 119 9.93 20.18 -2.24
CA THR A 119 9.63 18.86 -1.74
C THR A 119 9.63 19.11 -0.25
N ILE A 120 9.15 18.18 0.57
CA ILE A 120 9.20 18.35 2.02
C ILE A 120 10.65 18.47 2.41
N VAL A 121 11.54 17.78 1.70
CA VAL A 121 12.97 17.83 1.98
C VAL A 121 13.57 19.22 1.80
N THR A 122 13.15 19.95 0.77
CA THR A 122 13.65 21.29 0.52
C THR A 122 13.03 22.27 1.49
N GLU A 123 11.74 22.12 1.74
CA GLU A 123 11.02 23.03 2.63
C GLU A 123 11.51 23.04 4.05
N TRP A 124 11.74 21.87 4.61
CA TRP A 124 12.11 21.78 6.01
C TRP A 124 13.54 21.39 6.26
N ASP A 125 14.38 21.44 5.24
CA ASP A 125 15.79 21.12 5.38
C ASP A 125 15.99 19.75 5.97
N LEU A 126 15.21 18.76 5.51
CA LEU A 126 15.31 17.39 6.01
C LEU A 126 16.46 16.82 5.25
N VAL A 127 17.66 17.30 5.55
CA VAL A 127 18.83 16.92 4.79
C VAL A 127 19.98 16.81 5.76
N CYS A 128 21.02 16.07 5.40
CA CYS A 128 22.18 15.91 6.25
C CYS A 128 21.79 15.31 7.60
N SER A 129 22.03 15.94 8.73
CA SER A 129 21.76 15.27 10.01
C SER A 129 20.32 14.83 10.13
N HIS A 130 19.38 15.60 9.60
CA HIS A 130 17.96 15.27 9.68
C HIS A 130 17.43 14.46 8.50
N ARG A 131 18.29 13.74 7.78
CA ARG A 131 17.85 12.98 6.61
C ARG A 131 16.90 11.85 6.95
N ALA A 132 17.02 11.31 8.16
CA ALA A 132 16.19 10.19 8.56
C ALA A 132 14.76 10.58 8.71
N LEU A 133 14.50 11.87 8.87
CA LEU A 133 13.15 12.36 9.07
C LEU A 133 12.29 12.07 7.86
N ARG A 134 12.86 12.10 6.67
CA ARG A 134 12.11 11.85 5.46
C ARG A 134 11.50 10.46 5.52
N GLN A 135 12.25 9.47 6.00
CA GLN A 135 11.75 8.09 6.13
C GLN A 135 10.86 7.94 7.35
N LEU A 136 11.11 8.65 8.44
CA LEU A 136 10.22 8.62 9.60
C LEU A 136 8.82 9.00 9.21
N ALA A 137 8.66 9.95 8.30
CA ALA A 137 7.34 10.34 7.84
C ALA A 137 6.62 9.23 7.09
N GLN A 138 7.32 8.49 6.24
CA GLN A 138 6.69 7.33 5.57
C GLN A 138 6.30 6.27 6.59
N SER A 139 7.16 6.01 7.56
CA SER A 139 6.86 5.04 8.58
C SER A 139 5.66 5.46 9.39
N LEU A 140 5.55 6.75 9.72
CA LEU A 140 4.38 7.26 10.44
C LEU A 140 3.09 7.16 9.63
N TYR A 141 3.14 7.41 8.33
CA TYR A 141 1.96 7.25 7.52
C TYR A 141 1.55 5.82 7.61
N MET A 142 2.50 4.88 7.55
CA MET A 142 2.17 3.45 7.58
C MET A 142 1.76 2.98 8.97
N VAL A 143 2.21 3.65 10.03
CA VAL A 143 1.73 3.34 11.38
C VAL A 143 0.28 3.68 11.36
N GLY A 144 -0.08 4.77 10.69
CA GLY A 144 -1.45 5.15 10.55
C GLY A 144 -2.25 4.12 9.78
N VAL A 145 -1.68 3.53 8.74
CA VAL A 145 -2.36 2.50 7.97
C VAL A 145 -2.62 1.25 8.82
N LEU A 146 -1.68 0.84 9.66
CA LEU A 146 -1.88 -0.31 10.57
C LEU A 146 -2.95 0.03 11.58
N LEU A 147 -2.91 1.21 12.18
CA LEU A 147 -3.91 1.64 13.15
C LEU A 147 -5.27 1.73 12.54
N GLY A 148 -5.37 2.21 11.31
CA GLY A 148 -6.65 2.39 10.66
C GLY A 148 -7.29 1.11 10.26
N ALA A 149 -6.51 0.13 9.84
CA ALA A 149 -7.09 -1.15 9.53
C ALA A 149 -7.80 -1.68 10.77
N MET A 150 -7.22 -1.48 11.96
CA MET A 150 -7.80 -2.00 13.17
C MET A 150 -8.95 -1.18 13.74
N VAL A 151 -8.77 0.15 13.85
CA VAL A 151 -9.80 1.02 14.39
C VAL A 151 -11.00 0.96 13.49
N PHE A 152 -10.84 1.26 12.20
CA PHE A 152 -11.96 1.27 11.27
C PHE A 152 -12.57 -0.09 11.00
N GLY A 153 -11.82 -1.16 11.17
CA GLY A 153 -12.40 -2.48 11.05
C GLY A 153 -13.39 -2.71 12.18
N TYR A 154 -13.04 -2.35 13.41
CA TYR A 154 -13.96 -2.46 14.53
C TYR A 154 -15.12 -1.52 14.33
N LEU A 155 -14.84 -0.29 13.92
CA LEU A 155 -15.92 0.68 13.80
C LEU A 155 -16.89 0.29 12.69
N ALA A 156 -16.42 -0.43 11.67
CA ALA A 156 -17.29 -0.79 10.56
C ALA A 156 -18.26 -1.85 11.00
N ASP A 157 -17.82 -2.75 11.87
CA ASP A 157 -18.70 -3.80 12.38
C ASP A 157 -19.68 -3.22 13.36
N ARG A 158 -19.38 -2.07 13.93
CA ARG A 158 -20.26 -1.44 14.90
C ARG A 158 -21.18 -0.41 14.25
N LEU A 159 -20.68 0.38 13.29
CA LEU A 159 -21.48 1.47 12.67
C LEU A 159 -21.90 1.28 11.21
N GLY A 160 -21.37 0.28 10.52
CA GLY A 160 -21.76 -0.01 9.15
C GLY A 160 -20.63 0.21 8.20
N ARG A 161 -20.59 -0.58 7.13
CA ARG A 161 -19.54 -0.42 6.16
C ARG A 161 -19.66 0.93 5.50
N ARG A 162 -20.87 1.36 5.19
CA ARG A 162 -21.09 2.67 4.58
C ARG A 162 -20.79 3.88 5.44
N LYS A 163 -21.24 3.91 6.68
CA LYS A 163 -21.05 5.11 7.49
C LYS A 163 -19.59 5.27 7.72
N VAL A 164 -18.89 4.19 7.98
CA VAL A 164 -17.43 4.25 8.13
C VAL A 164 -16.75 4.69 6.84
N LEU A 165 -17.23 4.28 5.66
CA LEU A 165 -16.64 4.80 4.41
C LEU A 165 -16.85 6.30 4.25
N ILE A 166 -18.04 6.82 4.55
CA ILE A 166 -18.31 8.23 4.40
C ILE A 166 -17.36 9.02 5.28
N LEU A 167 -17.17 8.60 6.51
CA LEU A 167 -16.26 9.29 7.43
C LEU A 167 -14.83 9.14 6.99
N ASN A 168 -14.45 8.02 6.38
CA ASN A 168 -13.10 7.86 5.88
C ASN A 168 -12.79 8.71 4.67
N TYR A 169 -13.74 8.93 3.77
CA TYR A 169 -13.50 9.83 2.66
C TYR A 169 -13.27 11.24 3.16
N LEU A 170 -14.03 11.65 4.17
CA LEU A 170 -13.86 12.99 4.74
C LEU A 170 -12.54 13.13 5.48
N GLN A 171 -12.12 12.13 6.24
CA GLN A 171 -10.85 12.17 6.95
C GLN A 171 -9.65 12.22 6.02
N THR A 172 -9.63 11.41 4.96
CA THR A 172 -8.54 11.47 3.99
C THR A 172 -8.48 12.82 3.33
N ALA A 173 -9.62 13.37 2.99
CA ALA A 173 -9.67 14.68 2.36
C ALA A 173 -9.20 15.77 3.27
N VAL A 174 -9.70 15.82 4.50
CA VAL A 174 -9.30 16.84 5.45
C VAL A 174 -7.85 16.69 5.88
N SER A 175 -7.42 15.48 6.22
CA SER A 175 -6.06 15.26 6.65
C SER A 175 -5.07 15.50 5.53
N GLY A 176 -5.33 15.00 4.34
CA GLY A 176 -4.46 15.27 3.22
C GLY A 176 -4.39 16.72 2.82
N THR A 177 -5.51 17.43 2.81
CA THR A 177 -5.49 18.86 2.53
C THR A 177 -4.71 19.62 3.58
N CYS A 178 -4.91 19.30 4.85
CA CYS A 178 -4.19 19.97 5.92
C CYS A 178 -2.71 19.62 5.89
N ALA A 179 -2.34 18.44 5.44
CA ALA A 179 -0.92 18.07 5.27
C ALA A 179 -0.29 18.95 4.22
N ALA A 180 -1.00 19.24 3.15
CA ALA A 180 -0.50 20.10 2.08
C ALA A 180 -0.26 21.50 2.57
N PHE A 181 -1.00 21.94 3.58
CA PHE A 181 -0.84 23.26 4.14
C PHE A 181 -0.19 23.20 5.51
N ALA A 182 0.57 22.15 5.77
CA ALA A 182 1.24 22.01 7.05
C ALA A 182 2.28 23.07 7.21
N PRO A 183 2.37 23.69 8.39
CA PRO A 183 3.34 24.77 8.55
C PRO A 183 4.70 24.28 9.02
N ASN A 184 4.78 23.10 9.64
CA ASN A 184 6.03 22.56 10.16
C ASN A 184 6.02 21.06 10.04
N PHE A 185 7.17 20.40 10.23
CA PHE A 185 7.26 18.96 10.02
C PHE A 185 6.47 18.11 11.00
N PRO A 186 6.51 18.42 12.32
CA PRO A 186 5.65 17.59 13.17
C PRO A 186 4.20 17.55 12.68
N ILE A 187 3.63 18.67 12.27
CA ILE A 187 2.25 18.74 11.79
C ILE A 187 2.00 17.97 10.49
N TYR A 188 2.95 17.98 9.57
CA TYR A 188 2.80 17.21 8.35
C TYR A 188 2.73 15.74 8.70
N CYS A 189 3.55 15.28 9.64
CA CYS A 189 3.56 13.87 10.01
C CYS A 189 2.29 13.45 10.69
N ALA A 190 1.72 14.32 11.52
CA ALA A 190 0.46 14.03 12.20
C ALA A 190 -0.67 13.88 11.22
N PHE A 191 -0.75 14.76 10.23
CA PHE A 191 -1.82 14.71 9.24
C PHE A 191 -1.58 13.64 8.21
N ARG A 192 -0.35 13.15 8.09
CA ARG A 192 -0.10 12.02 7.20
C ARG A 192 -0.46 10.71 7.91
N LEU A 193 -0.29 10.60 9.22
CA LEU A 193 -0.72 9.39 9.93
C LEU A 193 -2.22 9.29 9.81
N LEU A 194 -2.93 10.38 10.04
CA LEU A 194 -4.39 10.39 9.97
C LEU A 194 -4.89 10.16 8.55
N SER A 195 -4.12 10.58 7.56
CA SER A 195 -4.48 10.30 6.18
C SER A 195 -4.42 8.83 5.93
N GLY A 196 -3.40 8.18 6.48
CA GLY A 196 -3.24 6.75 6.30
C GLY A 196 -4.26 5.94 7.04
N MET A 197 -4.66 6.41 8.21
CA MET A 197 -5.67 5.71 9.01
C MET A 197 -6.94 5.65 8.23
N ALA A 198 -7.33 6.76 7.62
CA ALA A 198 -8.54 6.82 6.85
C ALA A 198 -8.44 5.95 5.64
N LEU A 199 -7.33 6.05 4.92
CA LEU A 199 -7.12 5.26 3.71
C LEU A 199 -7.12 3.76 3.99
N ALA A 200 -6.61 3.32 5.13
CA ALA A 200 -6.67 1.92 5.49
C ALA A 200 -8.09 1.46 5.62
N GLY A 201 -8.95 2.31 6.15
CA GLY A 201 -10.35 1.98 6.28
C GLY A 201 -11.07 2.00 4.96
N ILE A 202 -10.64 2.85 4.02
CA ILE A 202 -11.23 2.86 2.68
C ILE A 202 -10.93 1.56 1.96
N SER A 203 -9.68 1.10 2.01
CA SER A 203 -9.31 -0.12 1.31
C SER A 203 -10.04 -1.33 1.84
N LEU A 204 -10.23 -1.41 3.15
CA LEU A 204 -10.96 -2.51 3.75
C LEU A 204 -12.43 -2.44 3.42
N ASN A 205 -13.08 -1.35 3.79
CA ASN A 205 -14.53 -1.22 3.58
C ASN A 205 -14.91 -1.24 2.12
N CYS A 206 -13.99 -0.96 1.21
CA CYS A 206 -14.28 -1.07 -0.21
C CYS A 206 -14.44 -2.52 -0.61
N MET A 207 -13.64 -3.40 -0.03
CA MET A 207 -13.81 -4.82 -0.32
C MET A 207 -15.10 -5.29 0.30
N THR A 208 -15.24 -5.15 1.61
CA THR A 208 -16.42 -5.66 2.29
C THR A 208 -17.72 -5.18 1.65
N LEU A 209 -17.85 -3.91 1.32
CA LEU A 209 -19.15 -3.46 0.81
C LEU A 209 -19.43 -4.04 -0.56
N ASN A 210 -18.42 -4.11 -1.43
CA ASN A 210 -18.60 -4.66 -2.77
C ASN A 210 -18.78 -6.17 -2.74
N VAL A 211 -17.93 -6.88 -2.02
CA VAL A 211 -18.01 -8.33 -1.94
C VAL A 211 -19.34 -8.76 -1.34
N GLU A 212 -19.80 -8.10 -0.30
CA GLU A 212 -21.06 -8.46 0.37
C GLU A 212 -22.29 -8.14 -0.44
N TRP A 213 -22.21 -7.16 -1.36
CA TRP A 213 -23.34 -6.84 -2.23
C TRP A 213 -23.24 -7.56 -3.56
N MET A 214 -22.23 -8.41 -3.76
CA MET A 214 -22.06 -9.13 -5.03
C MET A 214 -22.21 -10.65 -4.87
N PRO A 215 -22.71 -11.35 -5.91
CA PRO A 215 -22.94 -12.79 -5.76
C PRO A 215 -21.66 -13.56 -5.52
N ILE A 216 -21.72 -14.73 -4.90
CA ILE A 216 -20.51 -15.47 -4.55
C ILE A 216 -19.75 -15.97 -5.79
N HIS A 217 -20.45 -16.14 -6.90
CA HIS A 217 -19.78 -16.57 -8.12
C HIS A 217 -18.98 -15.44 -8.75
N THR A 218 -19.18 -14.22 -8.26
CA THR A 218 -18.47 -13.07 -8.81
C THR A 218 -17.65 -12.38 -7.74
N ARG A 219 -17.35 -13.08 -6.66
CA ARG A 219 -16.50 -12.49 -5.62
C ARG A 219 -15.02 -12.50 -5.97
N ALA A 220 -14.54 -13.54 -6.62
CA ALA A 220 -13.14 -13.55 -7.07
C ALA A 220 -12.86 -12.38 -8.01
N CYS A 221 -13.73 -12.11 -8.97
CA CYS A 221 -13.56 -10.98 -9.88
C CYS A 221 -13.57 -9.64 -9.18
N VAL A 222 -14.41 -9.47 -8.16
CA VAL A 222 -14.42 -8.23 -7.39
C VAL A 222 -13.02 -8.04 -6.85
N GLY A 223 -12.40 -9.09 -6.32
CA GLY A 223 -11.09 -8.98 -5.72
C GLY A 223 -10.01 -8.65 -6.72
N THR A 224 -10.10 -9.21 -7.92
CA THR A 224 -9.12 -8.92 -8.96
C THR A 224 -9.24 -7.48 -9.44
N LEU A 225 -10.45 -7.03 -9.74
CA LEU A 225 -10.65 -5.66 -10.18
C LEU A 225 -10.04 -4.70 -9.19
N ILE A 226 -10.25 -4.93 -7.91
CA ILE A 226 -9.69 -4.07 -6.88
C ILE A 226 -8.18 -4.05 -6.98
N GLY A 227 -7.57 -5.20 -7.24
CA GLY A 227 -6.13 -5.28 -7.38
C GLY A 227 -5.57 -4.53 -8.57
N TYR A 228 -6.25 -4.61 -9.71
CA TYR A 228 -5.78 -3.89 -10.90
C TYR A 228 -6.13 -2.41 -10.85
N VAL A 229 -7.17 -2.06 -10.12
CA VAL A 229 -7.51 -0.64 -9.98
C VAL A 229 -6.44 0.03 -9.13
N TYR A 230 -5.75 -0.73 -8.28
CA TYR A 230 -4.65 -0.14 -7.51
C TYR A 230 -3.44 0.04 -8.41
N SER A 231 -3.11 -0.97 -9.20
CA SER A 231 -1.99 -0.89 -10.14
C SER A 231 -2.11 0.25 -11.13
N LEU A 232 -3.30 0.53 -11.62
CA LEU A 232 -3.51 1.67 -12.52
C LEU A 232 -3.27 2.96 -11.77
N GLY A 233 -3.41 2.92 -10.45
CA GLY A 233 -3.15 4.09 -9.64
C GLY A 233 -1.71 4.53 -9.75
N GLN A 234 -0.80 3.60 -9.99
CA GLN A 234 0.62 3.93 -10.14
C GLN A 234 0.90 4.75 -11.38
N PHE A 235 0.17 4.52 -12.47
CA PHE A 235 0.32 5.36 -13.64
C PHE A 235 -0.30 6.71 -13.36
N LEU A 236 -1.37 6.76 -12.55
CA LEU A 236 -1.98 8.03 -12.19
C LEU A 236 -1.02 8.89 -11.39
N LEU A 237 -0.26 8.32 -10.47
CA LEU A 237 0.73 9.09 -9.71
C LEU A 237 1.81 9.63 -10.61
N ALA A 238 2.26 8.85 -11.57
CA ALA A 238 3.27 9.31 -12.48
C ALA A 238 2.72 10.46 -13.28
N GLY A 239 1.54 10.32 -13.91
CA GLY A 239 1.07 11.43 -14.72
C GLY A 239 0.79 12.67 -13.90
N VAL A 240 0.14 12.54 -12.76
CA VAL A 240 -0.19 13.69 -11.91
C VAL A 240 1.05 14.39 -11.36
N ALA A 241 2.04 13.64 -10.89
CA ALA A 241 3.28 14.23 -10.37
C ALA A 241 4.06 14.97 -11.44
N TYR A 242 4.04 14.55 -12.68
CA TYR A 242 4.72 15.30 -13.71
C TYR A 242 4.08 16.65 -13.87
N ALA A 243 2.76 16.67 -13.91
CA ALA A 243 2.01 17.92 -14.08
C ALA A 243 2.13 18.86 -12.92
N VAL A 244 2.12 18.35 -11.69
CA VAL A 244 2.15 19.19 -10.50
C VAL A 244 3.37 18.78 -9.70
N PRO A 245 4.54 19.31 -10.06
CA PRO A 245 5.77 18.96 -9.35
C PRO A 245 5.85 19.44 -7.90
N HIS A 246 5.33 20.63 -7.58
CA HIS A 246 5.43 21.21 -6.24
C HIS A 246 4.71 20.32 -5.27
N TRP A 247 5.24 20.14 -4.07
CA TRP A 247 4.65 19.17 -3.15
C TRP A 247 3.36 19.57 -2.51
N ARG A 248 3.20 20.83 -2.14
CA ARG A 248 1.96 21.29 -1.54
C ARG A 248 0.85 21.17 -2.54
N HIS A 249 1.13 21.54 -3.79
CA HIS A 249 0.15 21.39 -4.87
C HIS A 249 -0.16 19.94 -5.22
N LEU A 250 0.85 19.07 -5.22
CA LEU A 250 0.64 17.65 -5.53
C LEU A 250 -0.11 16.95 -4.41
N GLN A 251 0.19 17.25 -3.16
CA GLN A 251 -0.55 16.68 -2.04
C GLN A 251 -1.99 17.17 -2.04
N LEU A 252 -2.24 18.44 -2.29
CA LEU A 252 -3.62 18.92 -2.40
C LEU A 252 -4.37 18.24 -3.53
N LEU A 253 -3.77 18.08 -4.70
CA LEU A 253 -4.43 17.46 -5.86
C LEU A 253 -4.78 16.02 -5.63
N VAL A 254 -3.91 15.30 -4.97
CA VAL A 254 -4.17 13.90 -4.68
C VAL A 254 -5.16 13.76 -3.51
N SER A 255 -5.30 14.77 -2.65
CA SER A 255 -6.30 14.61 -1.60
C SER A 255 -7.62 15.32 -1.89
N ALA A 256 -7.66 16.27 -2.81
CA ALA A 256 -8.90 16.99 -3.01
C ALA A 256 -9.99 16.15 -3.65
N PRO A 257 -9.62 15.13 -4.44
CA PRO A 257 -10.68 14.29 -4.98
C PRO A 257 -11.55 13.62 -3.91
N PHE A 258 -11.02 13.35 -2.73
CA PHE A 258 -11.75 12.63 -1.70
C PHE A 258 -12.83 13.45 -1.02
N PHE A 259 -12.99 14.71 -1.38
CA PHE A 259 -14.07 15.49 -0.85
C PHE A 259 -15.23 15.23 -1.76
N ALA A 260 -14.95 14.97 -3.02
CA ALA A 260 -16.00 14.65 -4.00
C ALA A 260 -16.50 13.27 -3.72
N PHE A 261 -15.62 12.37 -3.30
CA PHE A 261 -16.04 11.03 -2.93
C PHE A 261 -16.94 11.09 -1.73
N PHE A 262 -16.59 11.89 -0.75
CA PHE A 262 -17.42 12.05 0.44
C PHE A 262 -18.79 12.55 0.07
N ILE A 263 -18.93 13.38 -0.95
CA ILE A 263 -20.23 13.97 -1.25
C ILE A 263 -21.20 12.97 -1.87
N TYR A 264 -20.71 12.10 -2.76
CA TYR A 264 -21.56 11.07 -3.37
C TYR A 264 -21.69 9.81 -2.53
N SER A 265 -20.78 9.59 -1.59
CA SER A 265 -20.88 8.41 -0.73
C SER A 265 -22.08 8.44 0.16
N TRP A 266 -22.77 9.57 0.26
CA TRP A 266 -23.98 9.51 1.07
C TRP A 266 -25.09 8.67 0.46
N PHE A 267 -25.03 8.42 -0.85
CA PHE A 267 -26.07 7.69 -1.56
C PHE A 267 -25.78 6.20 -1.67
N PHE A 268 -24.70 5.73 -1.06
CA PHE A 268 -24.40 4.30 -1.04
C PHE A 268 -25.46 3.56 -0.23
N ILE A 269 -25.68 2.30 -0.59
CA ILE A 269 -26.63 1.43 0.11
C ILE A 269 -25.84 0.55 1.07
N GLU A 270 -26.19 0.55 2.34
CA GLU A 270 -25.46 -0.23 3.35
C GLU A 270 -25.64 -1.71 3.09
N SER A 271 -24.61 -2.52 3.41
CA SER A 271 -24.69 -3.95 3.18
C SER A 271 -25.86 -4.57 3.89
N ALA A 272 -26.72 -5.26 3.16
CA ALA A 272 -27.85 -5.95 3.76
C ALA A 272 -27.35 -7.06 4.64
N ARG A 273 -26.22 -7.65 4.29
CA ARG A 273 -25.62 -8.69 5.12
C ARG A 273 -25.21 -8.17 6.50
N TRP A 274 -24.68 -6.96 6.56
CA TRP A 274 -24.30 -6.39 7.85
C TRP A 274 -25.57 -6.13 8.64
N HIS A 275 -26.65 -5.75 7.99
CA HIS A 275 -27.92 -5.50 8.65
C HIS A 275 -28.49 -6.80 9.22
N SER A 276 -28.38 -7.89 8.47
CA SER A 276 -28.92 -9.16 8.94
C SER A 276 -28.14 -9.63 10.14
N SER A 277 -26.81 -9.48 10.10
CA SER A 277 -25.96 -9.92 11.19
C SER A 277 -26.24 -9.16 12.46
N SER A 278 -26.53 -7.87 12.33
CA SER A 278 -26.80 -7.03 13.49
C SER A 278 -28.05 -7.49 14.25
N GLY A 279 -29.04 -8.00 13.52
CA GLY A 279 -30.31 -8.38 14.13
C GLY A 279 -31.43 -7.58 13.50
N ARG A 280 -31.08 -6.54 12.75
CA ARG A 280 -32.07 -5.71 12.07
C ARG A 280 -32.40 -6.27 10.68
N LEU A 281 -33.31 -7.25 10.61
CA LEU A 281 -33.76 -7.74 9.30
C LEU A 281 -34.67 -6.70 8.64
N ASP A 282 -35.21 -5.76 9.41
CA ASP A 282 -36.01 -4.69 8.82
C ASP A 282 -35.19 -3.88 7.82
N LEU A 283 -33.90 -3.71 8.08
CA LEU A 283 -33.03 -2.98 7.17
C LEU A 283 -32.51 -3.91 6.08
N THR A 284 -32.42 -5.21 6.32
CA THR A 284 -32.05 -6.15 5.26
C THR A 284 -33.14 -6.13 4.22
N LEU A 285 -34.38 -6.07 4.66
CA LEU A 285 -35.51 -6.06 3.74
C LEU A 285 -35.55 -4.77 2.97
N ARG A 286 -35.33 -3.64 3.65
CA ARG A 286 -35.35 -2.34 3.01
C ARG A 286 -34.26 -2.20 1.97
N ALA A 287 -33.07 -2.71 2.25
CA ALA A 287 -31.99 -2.67 1.27
C ALA A 287 -32.29 -3.56 0.09
N LEU A 288 -32.76 -4.77 0.35
CA LEU A 288 -33.07 -5.69 -0.73
C LEU A 288 -34.19 -5.19 -1.63
N GLN A 289 -35.20 -4.55 -1.07
CA GLN A 289 -36.26 -3.98 -1.91
C GLN A 289 -35.77 -2.77 -2.71
N ARG A 290 -35.00 -1.87 -2.10
CA ARG A 290 -34.42 -0.74 -2.82
C ARG A 290 -33.57 -1.22 -3.99
N VAL A 291 -32.77 -2.27 -3.79
CA VAL A 291 -31.95 -2.79 -4.88
C VAL A 291 -32.82 -3.38 -5.96
N ALA A 292 -33.91 -4.05 -5.58
CA ALA A 292 -34.84 -4.59 -6.58
C ALA A 292 -35.48 -3.47 -7.40
N ARG A 293 -35.74 -2.32 -6.80
CA ARG A 293 -36.24 -1.20 -7.61
C ARG A 293 -35.13 -0.78 -8.57
N ILE A 294 -33.91 -0.63 -8.07
CA ILE A 294 -32.78 -0.20 -8.91
C ILE A 294 -32.42 -1.19 -10.02
N ASN A 295 -32.37 -2.48 -9.72
CA ASN A 295 -32.00 -3.50 -10.71
C ASN A 295 -33.12 -3.72 -11.70
N GLY A 296 -34.33 -3.30 -11.38
CA GLY A 296 -35.45 -3.41 -12.30
C GLY A 296 -36.33 -4.62 -12.07
N LYS A 297 -35.94 -5.52 -11.18
CA LYS A 297 -36.76 -6.69 -10.84
C LYS A 297 -37.65 -6.28 -9.67
N ARG A 298 -38.57 -5.34 -9.89
CA ARG A 298 -39.41 -4.80 -8.81
C ARG A 298 -40.42 -5.81 -8.30
N GLU A 299 -41.13 -6.50 -9.18
CA GLU A 299 -42.05 -7.56 -8.77
C GLU A 299 -41.37 -8.50 -7.81
N GLU A 300 -40.18 -8.98 -8.17
CA GLU A 300 -39.51 -9.97 -7.33
C GLU A 300 -39.16 -9.37 -5.97
N GLY A 301 -38.89 -8.05 -5.89
CA GLY A 301 -38.60 -7.44 -4.60
C GLY A 301 -39.81 -7.36 -3.70
N ALA A 302 -40.98 -7.08 -4.28
CA ALA A 302 -42.20 -6.99 -3.50
C ALA A 302 -42.49 -8.32 -2.85
N LYS A 303 -42.18 -9.40 -3.56
CA LYS A 303 -42.40 -10.73 -3.02
C LYS A 303 -41.56 -10.90 -1.76
N LEU A 304 -40.36 -10.35 -1.73
CA LEU A 304 -39.50 -10.49 -0.58
C LEU A 304 -40.17 -9.86 0.62
N SER A 305 -40.52 -10.62 1.66
CA SER A 305 -41.10 -10.06 2.89
C SER A 305 -40.26 -10.58 4.05
N MET A 306 -40.74 -10.45 5.29
CA MET A 306 -39.99 -10.92 6.46
C MET A 306 -40.17 -12.41 6.72
N GLU A 307 -41.26 -13.02 6.26
CA GLU A 307 -41.44 -14.47 6.41
C GLU A 307 -40.48 -15.17 5.45
N VAL A 308 -40.19 -14.51 4.33
CA VAL A 308 -39.29 -15.07 3.35
C VAL A 308 -37.84 -14.81 3.71
N LEU A 309 -37.52 -13.55 3.97
CA LEU A 309 -36.14 -13.18 4.27
C LEU A 309 -35.64 -13.91 5.50
N ARG A 310 -36.48 -14.06 6.50
CA ARG A 310 -36.08 -14.78 7.70
C ARG A 310 -35.74 -16.21 7.38
N ALA A 311 -36.72 -16.98 6.94
CA ALA A 311 -36.52 -18.39 6.67
C ALA A 311 -35.33 -18.59 5.74
N SER A 312 -35.20 -17.75 4.73
CA SER A 312 -34.13 -17.91 3.75
C SER A 312 -32.82 -17.31 4.23
N LEU A 313 -32.81 -16.76 5.44
CA LEU A 313 -31.58 -16.20 5.98
C LEU A 313 -31.36 -16.71 7.40
N GLN A 314 -32.19 -17.66 7.82
CA GLN A 314 -32.10 -18.20 9.17
C GLN A 314 -30.84 -19.03 9.38
N LYS A 315 -30.50 -19.86 8.40
CA LYS A 315 -29.35 -20.75 8.58
C LYS A 315 -28.11 -19.92 8.83
N GLU A 316 -27.97 -18.82 8.10
CA GLU A 316 -26.81 -17.96 8.30
C GLU A 316 -26.85 -17.41 9.71
N LEU A 317 -28.02 -17.00 10.16
CA LEU A 317 -28.18 -16.44 11.52
C LEU A 317 -27.93 -17.44 12.67
N GLN A 323 -16.73 -17.22 13.19
CA GLN A 323 -15.27 -17.04 13.21
C GLN A 323 -14.68 -17.08 14.61
N ALA A 324 -13.56 -17.78 14.76
CA ALA A 324 -12.94 -17.94 16.08
C ALA A 324 -11.98 -16.81 16.39
N SER A 325 -11.48 -16.75 17.62
CA SER A 325 -10.63 -15.61 18.02
C SER A 325 -9.21 -15.74 17.52
N ALA A 326 -8.51 -14.61 17.39
CA ALA A 326 -7.11 -14.65 16.98
C ALA A 326 -6.25 -15.34 18.03
N MET A 327 -6.68 -15.42 19.27
CA MET A 327 -5.92 -16.19 20.25
C MET A 327 -5.86 -17.66 19.81
N GLU A 328 -6.87 -18.13 19.08
CA GLU A 328 -6.83 -19.51 18.56
C GLU A 328 -5.68 -19.73 17.61
N LEU A 329 -5.37 -18.74 16.77
CA LEU A 329 -4.32 -18.95 15.80
C LEU A 329 -3.07 -19.28 16.58
N LEU A 330 -2.78 -18.52 17.61
CA LEU A 330 -1.63 -18.82 18.48
C LEU A 330 -1.80 -20.06 19.34
N ARG A 331 -2.97 -20.26 19.92
CA ARG A 331 -3.17 -21.37 20.86
C ARG A 331 -2.98 -22.77 20.29
N CYS A 332 -3.55 -23.05 19.11
CA CYS A 332 -3.48 -24.39 18.55
C CYS A 332 -2.11 -24.59 17.95
N PRO A 333 -1.45 -25.74 18.19
CA PRO A 333 -0.15 -25.86 17.54
C PRO A 333 -0.27 -25.96 16.02
N THR A 334 -1.34 -26.57 15.50
CA THR A 334 -1.55 -26.73 14.07
C THR A 334 -1.73 -25.40 13.39
N LEU A 335 -2.48 -24.50 13.99
CA LEU A 335 -2.77 -23.22 13.37
C LEU A 335 -1.71 -22.21 13.72
N ARG A 336 -0.89 -22.49 14.73
CA ARG A 336 0.23 -21.60 15.04
C ARG A 336 1.31 -21.79 14.01
N HIS A 337 1.56 -23.02 13.57
CA HIS A 337 2.55 -23.27 12.54
C HIS A 337 2.16 -22.60 11.25
N LEU A 338 0.89 -22.64 10.90
CA LEU A 338 0.41 -22.05 9.66
C LEU A 338 0.41 -20.54 9.84
N PHE A 339 0.12 -20.05 11.04
CA PHE A 339 0.20 -18.61 11.32
C PHE A 339 1.60 -18.08 11.18
N LEU A 340 2.55 -18.57 11.94
CA LEU A 340 3.93 -18.11 11.90
C LEU A 340 4.46 -18.13 10.47
N CYS A 341 4.33 -19.26 9.77
CA CYS A 341 4.89 -19.38 8.44
C CYS A 341 4.32 -18.33 7.54
N LEU A 342 3.00 -18.18 7.53
CA LEU A 342 2.36 -17.22 6.64
C LEU A 342 2.68 -15.79 7.05
N SER A 343 2.82 -15.49 8.34
CA SER A 343 3.20 -14.17 8.77
C SER A 343 4.57 -13.80 8.24
N MET A 344 5.51 -14.73 8.18
CA MET A 344 6.81 -14.42 7.59
C MET A 344 6.66 -14.15 6.11
N LEU A 345 5.77 -14.88 5.44
CA LEU A 345 5.52 -14.65 4.01
C LEU A 345 4.89 -13.30 3.71
N TRP A 346 3.96 -12.86 4.55
CA TRP A 346 3.32 -11.57 4.36
C TRP A 346 4.22 -10.44 4.78
N PHE A 347 4.97 -10.57 5.87
CA PHE A 347 5.92 -9.53 6.25
C PHE A 347 6.94 -9.40 5.15
N ALA A 348 7.61 -10.47 4.76
CA ALA A 348 8.66 -10.38 3.76
C ALA A 348 8.25 -9.73 2.47
N THR A 349 7.11 -10.10 1.93
CA THR A 349 6.69 -9.56 0.65
C THR A 349 6.48 -8.07 0.75
N SER A 350 5.78 -7.62 1.78
CA SER A 350 5.56 -6.19 1.98
C SER A 350 6.81 -5.41 2.31
N PHE A 351 7.65 -5.96 3.15
CA PHE A 351 8.86 -5.28 3.56
C PHE A 351 9.74 -5.06 2.36
N ALA A 352 9.94 -6.08 1.55
CA ALA A 352 10.73 -5.95 0.34
C ALA A 352 10.09 -5.10 -0.72
N TYR A 353 8.78 -5.23 -0.89
CA TYR A 353 8.07 -4.48 -1.92
C TYR A 353 8.14 -3.02 -1.68
N TYR A 354 7.89 -2.60 -0.45
CA TYR A 354 7.99 -1.19 -0.13
C TYR A 354 9.41 -0.71 -0.18
N GLY A 355 10.35 -1.52 0.24
CA GLY A 355 11.73 -1.15 0.14
C GLY A 355 12.09 -0.78 -1.29
N LEU A 356 11.76 -1.63 -2.25
CA LEU A 356 12.04 -1.36 -3.66
C LEU A 356 11.23 -0.21 -4.26
N VAL A 357 9.92 -0.17 -3.99
CA VAL A 357 9.03 0.84 -4.59
C VAL A 357 9.32 2.23 -4.05
N MET A 358 9.88 2.33 -2.85
CA MET A 358 10.14 3.63 -2.22
C MET A 358 11.52 4.18 -2.49
N ASP A 359 12.27 3.61 -3.43
CA ASP A 359 13.58 4.16 -3.81
C ASP A 359 13.65 4.25 -5.33
N LEU A 360 12.96 5.22 -5.93
CA LEU A 360 12.93 5.37 -7.38
C LEU A 360 14.09 6.18 -7.94
N GLN A 361 14.75 6.99 -7.12
CA GLN A 361 15.78 7.90 -7.64
C GLN A 361 17.14 7.33 -7.99
N GLY A 362 17.58 6.30 -7.28
CA GLY A 362 18.91 5.74 -7.48
C GLY A 362 19.23 5.10 -8.81
N PHE A 363 18.22 4.61 -9.51
CA PHE A 363 18.45 3.86 -10.75
C PHE A 363 19.15 4.61 -11.86
N GLY A 364 19.01 5.93 -11.92
CA GLY A 364 19.63 6.73 -12.97
C GLY A 364 18.72 7.07 -14.12
N VAL A 365 17.44 6.73 -14.02
CA VAL A 365 16.46 7.09 -15.04
C VAL A 365 15.50 8.06 -14.35
N SER A 366 14.73 8.82 -15.11
CA SER A 366 13.75 9.74 -14.54
C SER A 366 12.86 9.05 -13.51
N ILE A 367 12.42 9.76 -12.46
CA ILE A 367 11.63 9.13 -11.41
C ILE A 367 10.21 8.93 -11.93
N TYR A 368 9.88 9.55 -13.07
CA TYR A 368 8.53 9.44 -13.64
C TYR A 368 8.47 8.25 -14.54
N LEU A 369 9.50 8.06 -15.36
CA LEU A 369 9.56 6.89 -16.21
C LEU A 369 9.62 5.62 -15.38
N ILE A 370 10.42 5.62 -14.32
CA ILE A 370 10.55 4.46 -13.45
C ILE A 370 9.22 4.14 -12.76
N GLN A 371 8.46 5.14 -12.34
CA GLN A 371 7.13 4.88 -11.76
C GLN A 371 6.22 4.25 -12.80
N VAL A 372 6.24 4.73 -14.03
CA VAL A 372 5.43 4.15 -15.11
C VAL A 372 5.86 2.72 -15.40
N ILE A 373 7.16 2.45 -15.46
CA ILE A 373 7.64 1.11 -15.78
C ILE A 373 7.19 0.18 -14.69
N PHE A 374 7.45 0.55 -13.44
CA PHE A 374 7.07 -0.27 -12.31
C PHE A 374 5.58 -0.61 -12.35
N GLY A 375 4.72 0.36 -12.64
CA GLY A 375 3.30 0.12 -12.74
C GLY A 375 2.91 -0.73 -13.92
N ALA A 376 3.70 -0.69 -15.00
CA ALA A 376 3.43 -1.53 -16.16
C ALA A 376 4.02 -2.90 -16.05
N VAL A 377 4.74 -3.21 -14.98
CA VAL A 377 5.24 -4.56 -14.76
C VAL A 377 4.18 -5.36 -14.06
N ASP A 378 3.43 -4.71 -13.19
CA ASP A 378 2.42 -5.39 -12.41
C ASP A 378 1.41 -6.11 -13.29
N LEU A 379 1.28 -5.68 -14.54
CA LEU A 379 0.28 -6.29 -15.43
C LEU A 379 0.73 -7.63 -16.01
N PRO A 380 1.95 -7.69 -16.57
CA PRO A 380 2.43 -9.00 -17.03
C PRO A 380 2.82 -9.88 -15.87
N ALA A 381 3.20 -9.31 -14.73
CA ALA A 381 3.54 -10.10 -13.57
C ALA A 381 2.32 -10.88 -13.09
N LYS A 382 1.23 -10.18 -12.85
CA LYS A 382 0.03 -10.84 -12.35
C LYS A 382 -0.46 -11.95 -13.27
N LEU A 383 -0.23 -11.85 -14.57
CA LEU A 383 -0.60 -12.94 -15.47
C LEU A 383 0.37 -14.09 -15.28
N VAL A 384 1.64 -13.85 -15.50
CA VAL A 384 2.65 -14.89 -15.31
C VAL A 384 2.44 -15.59 -13.99
N GLY A 385 2.13 -14.84 -12.94
CA GLY A 385 1.87 -15.45 -11.66
C GLY A 385 0.63 -16.32 -11.66
N PHE A 386 -0.44 -15.86 -12.29
CA PHE A 386 -1.66 -16.65 -12.40
C PHE A 386 -1.35 -17.93 -13.14
N LEU A 387 -0.58 -17.82 -14.21
CA LEU A 387 -0.26 -18.99 -14.99
C LEU A 387 0.54 -20.00 -14.21
N VAL A 388 1.54 -19.55 -13.43
CA VAL A 388 2.39 -20.47 -12.67
C VAL A 388 1.63 -21.01 -11.47
N ILE A 389 0.80 -20.19 -10.85
CA ILE A 389 0.09 -20.63 -9.66
C ILE A 389 -0.75 -21.84 -10.06
N ASN A 390 -1.64 -21.67 -11.04
CA ASN A 390 -2.53 -22.76 -11.41
C ASN A 390 -1.80 -23.93 -12.08
N SER A 391 -0.92 -23.66 -13.03
CA SER A 391 -0.24 -24.74 -13.74
C SER A 391 0.73 -25.58 -12.91
N LEU A 392 1.58 -24.95 -12.10
CA LEU A 392 2.61 -25.69 -11.34
C LEU A 392 2.27 -25.99 -9.89
N GLY A 393 1.78 -24.99 -9.17
CA GLY A 393 1.38 -25.19 -7.80
C GLY A 393 1.33 -23.84 -7.15
N ARG A 394 0.79 -23.77 -5.96
CA ARG A 394 0.61 -22.48 -5.28
C ARG A 394 1.83 -22.24 -4.44
N ARG A 395 2.51 -23.29 -4.01
CA ARG A 395 3.75 -23.19 -3.24
C ARG A 395 4.98 -23.01 -4.12
N PRO A 396 5.11 -23.78 -5.23
CA PRO A 396 6.26 -23.50 -6.09
C PRO A 396 6.26 -22.05 -6.57
N ALA A 397 5.12 -21.48 -6.85
CA ALA A 397 5.05 -20.07 -7.24
C ALA A 397 5.51 -19.12 -6.15
N GLN A 398 5.25 -19.42 -4.88
CA GLN A 398 5.70 -18.56 -3.78
C GLN A 398 7.20 -18.65 -3.51
N MET A 399 7.80 -19.83 -3.66
CA MET A 399 9.25 -19.96 -3.52
C MET A 399 9.89 -19.16 -4.64
N ALA A 400 9.39 -19.27 -5.85
CA ALA A 400 9.94 -18.62 -7.02
C ALA A 400 9.74 -17.13 -7.04
N ALA A 401 8.57 -16.67 -6.68
CA ALA A 401 8.31 -15.24 -6.63
C ALA A 401 9.13 -14.53 -5.59
N LEU A 402 9.37 -15.16 -4.45
CA LEU A 402 10.13 -14.53 -3.38
C LEU A 402 11.64 -14.70 -3.52
N LEU A 403 12.09 -15.88 -3.93
CA LEU A 403 13.52 -16.11 -4.11
C LEU A 403 14.06 -15.26 -5.24
N LEU A 404 13.38 -15.24 -6.38
CA LEU A 404 13.82 -14.44 -7.51
C LEU A 404 13.83 -12.96 -7.16
N ALA A 405 12.83 -12.48 -6.44
CA ALA A 405 12.84 -11.09 -6.02
C ALA A 405 14.02 -10.82 -5.11
N GLY A 406 14.31 -11.72 -4.19
CA GLY A 406 15.45 -11.56 -3.33
C GLY A 406 16.75 -11.57 -4.06
N ILE A 407 16.91 -12.47 -5.04
CA ILE A 407 18.13 -12.52 -5.85
C ILE A 407 18.28 -11.23 -6.64
N CYS A 408 17.20 -10.72 -7.22
CA CYS A 408 17.25 -9.46 -7.96
C CYS A 408 17.59 -8.24 -7.10
N ILE A 409 17.04 -8.14 -5.89
CA ILE A 409 17.29 -7.01 -5.01
C ILE A 409 18.73 -7.07 -4.49
N LEU A 410 19.22 -8.24 -4.14
CA LEU A 410 20.59 -8.37 -3.69
C LEU A 410 21.59 -8.12 -4.82
N LEU A 411 21.18 -8.35 -6.07
CA LEU A 411 22.06 -8.09 -7.20
C LEU A 411 21.96 -6.64 -7.62
N ASN A 412 20.95 -5.93 -7.15
CA ASN A 412 20.83 -4.52 -7.42
C ASN A 412 21.81 -3.89 -6.47
N GLY A 413 21.92 -4.47 -5.27
CA GLY A 413 22.90 -4.00 -4.31
C GLY A 413 24.35 -4.19 -4.70
N VAL A 414 24.66 -5.32 -5.31
CA VAL A 414 26.03 -5.63 -5.71
C VAL A 414 26.46 -4.92 -7.01
N ILE A 415 25.61 -4.91 -8.04
CA ILE A 415 25.99 -4.32 -9.33
C ILE A 415 26.28 -2.83 -9.17
N PRO A 416 27.35 -2.31 -9.83
CA PRO A 416 27.65 -0.89 -9.57
C PRO A 416 26.59 0.07 -10.06
N GLN A 417 26.53 1.26 -9.49
CA GLN A 417 25.50 2.23 -9.87
C GLN A 417 25.71 2.76 -11.27
N ASP A 418 26.90 2.58 -11.82
CA ASP A 418 27.18 3.02 -13.17
C ASP A 418 26.22 2.34 -14.11
N GLN A 419 25.96 1.06 -13.87
CA GLN A 419 25.04 0.32 -14.70
C GLN A 419 23.61 0.71 -14.35
N SER A 420 22.96 1.44 -15.25
CA SER A 420 21.57 1.82 -14.99
C SER A 420 20.59 0.83 -15.57
N ILE A 421 20.88 0.30 -16.76
CA ILE A 421 20.00 -0.66 -17.38
C ILE A 421 20.00 -2.00 -16.64
N VAL A 422 21.17 -2.44 -16.19
CA VAL A 422 21.26 -3.69 -15.44
C VAL A 422 20.61 -3.52 -14.09
N ARG A 423 20.82 -2.37 -13.45
CA ARG A 423 20.14 -2.10 -12.18
C ARG A 423 18.65 -1.79 -12.29
N THR A 424 18.24 -1.06 -13.32
CA THR A 424 16.83 -0.75 -13.50
C THR A 424 16.10 -2.03 -13.84
N SER A 425 16.57 -2.82 -14.81
CA SER A 425 15.92 -4.06 -15.22
C SER A 425 15.75 -5.04 -14.09
N LEU A 426 16.76 -5.18 -13.24
CA LEU A 426 16.67 -6.08 -12.10
C LEU A 426 15.74 -5.56 -11.01
N ALA A 427 15.63 -4.26 -10.81
CA ALA A 427 14.67 -3.76 -9.84
C ALA A 427 13.29 -3.95 -10.36
N VAL A 428 13.08 -3.71 -11.65
CA VAL A 428 11.77 -3.88 -12.27
C VAL A 428 11.30 -5.32 -12.24
N LEU A 429 12.17 -6.27 -12.53
CA LEU A 429 11.81 -7.67 -12.44
C LEU A 429 11.49 -8.00 -11.00
N GLY A 430 12.28 -7.50 -10.05
CA GLY A 430 12.07 -7.77 -8.65
C GLY A 430 10.76 -7.26 -8.14
N LYS A 431 10.37 -6.05 -8.52
CA LYS A 431 9.09 -5.48 -8.11
C LYS A 431 7.95 -6.28 -8.70
N GLY A 432 8.10 -6.74 -9.93
CA GLY A 432 7.09 -7.59 -10.53
C GLY A 432 6.92 -8.90 -9.80
N CYS A 433 8.03 -9.50 -9.39
CA CYS A 433 7.96 -10.74 -8.63
C CYS A 433 7.30 -10.54 -7.27
N LEU A 434 7.53 -9.42 -6.59
CA LEU A 434 6.88 -9.16 -5.30
C LEU A 434 5.42 -8.82 -5.50
N ALA A 435 5.01 -8.31 -6.66
CA ALA A 435 3.59 -8.10 -6.93
C ALA A 435 2.94 -9.45 -7.09
N ALA A 436 3.61 -10.39 -7.75
CA ALA A 436 3.08 -11.75 -7.88
C ALA A 436 3.00 -12.41 -6.53
N SER A 437 3.96 -12.18 -5.63
CA SER A 437 3.92 -12.76 -4.30
C SER A 437 2.74 -12.25 -3.52
N PHE A 438 2.35 -10.99 -3.70
CA PHE A 438 1.17 -10.46 -3.03
C PHE A 438 -0.07 -11.21 -3.48
N ASN A 439 -0.20 -11.43 -4.79
CA ASN A 439 -1.37 -12.10 -5.32
C ASN A 439 -1.44 -13.56 -4.89
N CYS A 440 -0.32 -14.26 -4.87
CA CYS A 440 -0.31 -15.65 -4.46
C CYS A 440 -0.54 -15.80 -2.95
N ILE A 441 0.05 -14.94 -2.15
CA ILE A 441 -0.07 -15.07 -0.70
C ILE A 441 -1.50 -14.83 -0.27
N PHE A 442 -2.29 -14.18 -1.10
CA PHE A 442 -3.70 -13.99 -0.79
C PHE A 442 -4.46 -15.29 -1.03
N LEU A 443 -4.27 -15.90 -2.19
CA LEU A 443 -4.90 -17.18 -2.46
C LEU A 443 -4.36 -18.25 -1.54
N TYR A 444 -3.04 -18.29 -1.38
CA TYR A 444 -2.42 -19.29 -0.54
C TYR A 444 -2.95 -19.19 0.86
N THR A 445 -3.16 -17.99 1.37
CA THR A 445 -3.57 -17.82 2.77
C THR A 445 -5.04 -18.06 3.01
N GLY A 446 -5.83 -18.18 1.96
CA GLY A 446 -7.24 -18.48 2.13
C GLY A 446 -7.46 -19.96 1.99
N GLU A 447 -6.64 -20.59 1.17
CA GLU A 447 -6.76 -22.01 0.98
C GLU A 447 -6.13 -22.79 2.11
N LEU A 448 -5.17 -22.18 2.81
CA LEU A 448 -4.50 -22.90 3.87
C LEU A 448 -5.32 -22.92 5.12
N TYR A 449 -6.03 -21.83 5.43
CA TYR A 449 -6.75 -21.76 6.71
C TYR A 449 -8.11 -22.48 6.73
N PRO A 450 -8.50 -23.09 7.89
CA PRO A 450 -9.83 -23.69 7.95
C PRO A 450 -10.90 -22.65 8.00
N THR A 451 -12.12 -22.99 7.60
CA THR A 451 -13.19 -22.01 7.52
C THR A 451 -13.40 -21.20 8.80
N MET A 452 -13.30 -21.83 9.97
CA MET A 452 -13.48 -21.10 11.21
C MET A 452 -12.55 -19.91 11.36
N ILE A 453 -11.24 -20.11 11.13
CA ILE A 453 -10.25 -19.05 11.35
C ILE A 453 -9.72 -18.44 10.05
N ARG A 454 -10.43 -18.58 8.93
CA ARG A 454 -9.92 -18.10 7.64
C ARG A 454 -9.98 -16.59 7.47
N GLN A 455 -11.00 -15.94 8.03
CA GLN A 455 -11.08 -14.49 7.94
C GLN A 455 -10.16 -13.84 8.95
N THR A 456 -10.03 -14.43 10.13
CA THR A 456 -9.08 -13.91 11.10
C THR A 456 -7.70 -14.06 10.53
N GLY A 457 -7.43 -15.18 9.86
CA GLY A 457 -6.11 -15.43 9.32
C GLY A 457 -5.69 -14.56 8.17
N MET A 458 -6.64 -14.13 7.36
CA MET A 458 -6.33 -13.23 6.25
C MET A 458 -6.12 -11.83 6.82
N GLY A 459 -6.85 -11.44 7.86
CA GLY A 459 -6.59 -10.19 8.54
C GLY A 459 -5.27 -10.13 9.26
N MET A 460 -4.89 -11.19 9.95
CA MET A 460 -3.59 -11.23 10.61
C MET A 460 -2.46 -11.17 9.60
N GLY A 461 -2.63 -11.85 8.47
CA GLY A 461 -1.64 -11.78 7.44
C GLY A 461 -1.51 -10.38 6.89
N SER A 462 -2.62 -9.72 6.62
CA SER A 462 -2.56 -8.35 6.13
C SER A 462 -1.98 -7.42 7.18
N THR A 463 -2.21 -7.70 8.46
CA THR A 463 -1.61 -6.90 9.52
C THR A 463 -0.10 -7.04 9.51
N MET A 464 0.39 -8.25 9.28
CA MET A 464 1.82 -8.45 9.21
C MET A 464 2.38 -7.77 7.98
N ALA A 465 1.57 -7.64 6.94
CA ALA A 465 2.03 -6.91 5.76
C ALA A 465 2.18 -5.45 6.09
N ARG A 466 1.27 -4.90 6.88
CA ARG A 466 1.36 -3.51 7.28
C ARG A 466 2.51 -3.30 8.25
N VAL A 467 2.86 -4.28 9.06
CA VAL A 467 4.03 -4.15 9.92
C VAL A 467 5.26 -4.11 9.04
N GLY A 468 5.25 -4.81 7.92
CA GLY A 468 6.37 -4.77 7.00
C GLY A 468 6.57 -3.41 6.42
N SER A 469 5.50 -2.74 6.04
CA SER A 469 5.59 -1.38 5.55
C SER A 469 6.08 -0.39 6.59
N ILE A 470 5.70 -0.53 7.86
CA ILE A 470 6.23 0.33 8.92
C ILE A 470 7.73 0.10 9.12
N VAL A 471 8.18 -1.16 9.08
CA VAL A 471 9.58 -1.48 9.34
C VAL A 471 10.49 -1.15 8.16
N SER A 472 9.95 -1.17 6.95
CA SER A 472 10.79 -0.94 5.79
C SER A 472 11.44 0.45 5.74
N PRO A 473 10.71 1.55 5.96
CA PRO A 473 11.43 2.83 5.98
C PRO A 473 12.46 2.92 7.08
N LEU A 474 12.24 2.27 8.22
CA LEU A 474 13.18 2.29 9.31
C LEU A 474 14.48 1.60 8.87
N VAL A 475 14.36 0.50 8.13
CA VAL A 475 15.55 -0.18 7.60
C VAL A 475 16.30 0.69 6.62
N SER A 476 15.58 1.45 5.80
CA SER A 476 16.21 2.32 4.82
C SER A 476 17.05 3.35 5.51
N MET A 477 16.72 3.75 6.74
CA MET A 477 17.53 4.70 7.49
C MET A 477 18.94 4.20 7.82
N THR A 478 19.25 2.93 7.52
CA THR A 478 20.58 2.38 7.75
C THR A 478 21.52 2.63 6.57
N ALA A 479 21.04 3.38 5.58
CA ALA A 479 21.87 3.71 4.42
C ALA A 479 23.07 4.50 4.90
N GLU A 480 22.90 5.30 5.94
CA GLU A 480 24.01 6.08 6.47
C GLU A 480 25.11 5.17 6.93
N LEU A 481 24.76 4.06 7.57
CA LEU A 481 25.75 3.11 8.04
C LEU A 481 26.49 2.53 6.86
N TYR A 482 25.75 2.13 5.82
CA TYR A 482 26.34 1.57 4.61
C TYR A 482 25.36 1.78 3.44
N PRO A 483 25.82 2.33 2.29
CA PRO A 483 24.90 2.61 1.18
C PRO A 483 24.12 1.40 0.68
N SER A 484 24.72 0.21 0.77
CA SER A 484 24.04 -0.97 0.28
C SER A 484 23.41 -1.82 1.37
N MET A 485 23.50 -1.41 2.64
CA MET A 485 22.84 -2.18 3.70
C MET A 485 21.33 -2.20 3.57
N PRO A 486 20.70 -1.08 3.19
CA PRO A 486 19.26 -1.22 3.00
C PRO A 486 18.89 -2.30 1.98
N LEU A 487 19.58 -2.40 0.84
CA LEU A 487 19.22 -3.36 -0.20
C LEU A 487 19.58 -4.79 0.22
N PHE A 488 20.70 -4.98 0.89
CA PHE A 488 21.09 -6.32 1.29
C PHE A 488 20.06 -6.91 2.24
N ILE A 489 19.41 -6.10 3.06
CA ILE A 489 18.35 -6.59 3.94
C ILE A 489 17.08 -6.84 3.13
N TYR A 490 16.66 -5.87 2.32
CA TYR A 490 15.42 -6.01 1.55
C TYR A 490 15.53 -7.19 0.63
N GLY A 491 16.71 -7.77 0.54
CA GLY A 491 16.91 -8.91 -0.32
C GLY A 491 17.03 -10.19 0.46
N ALA A 492 17.77 -10.16 1.56
CA ALA A 492 17.90 -11.32 2.40
C ALA A 492 16.60 -11.77 3.03
N VAL A 493 15.75 -10.83 3.44
CA VAL A 493 14.46 -11.20 4.02
C VAL A 493 13.56 -11.99 3.07
N PRO A 494 13.40 -11.57 1.78
CA PRO A 494 12.63 -12.45 0.89
C PRO A 494 13.29 -13.79 0.60
N VAL A 495 14.61 -13.88 0.54
CA VAL A 495 15.26 -15.15 0.35
C VAL A 495 14.96 -16.07 1.53
N ALA A 496 14.91 -15.54 2.75
CA ALA A 496 14.56 -16.35 3.92
C ALA A 496 13.11 -16.76 3.93
N ALA A 497 12.22 -15.88 3.50
CA ALA A 497 10.81 -16.22 3.39
C ALA A 497 10.57 -17.31 2.38
N SER A 498 11.30 -17.31 1.28
CA SER A 498 11.15 -18.35 0.29
C SER A 498 11.49 -19.69 0.91
N ALA A 499 12.48 -19.74 1.78
CA ALA A 499 12.82 -20.98 2.44
C ALA A 499 11.72 -21.39 3.38
N VAL A 500 11.03 -20.44 4.01
CA VAL A 500 9.87 -20.75 4.88
C VAL A 500 8.69 -21.38 4.12
N THR A 501 8.51 -21.09 2.83
CA THR A 501 7.34 -21.61 2.10
C THR A 501 7.43 -23.11 1.96
N VAL A 502 8.62 -23.66 2.10
CA VAL A 502 8.82 -25.11 1.96
C VAL A 502 7.98 -25.79 3.01
N LEU A 503 7.89 -25.19 4.19
CA LEU A 503 7.15 -25.80 5.29
C LEU A 503 5.65 -25.84 5.03
N LEU A 504 5.10 -24.82 4.38
CA LEU A 504 3.66 -24.76 4.12
C LEU A 504 3.19 -25.88 3.19
N PRO A 505 1.94 -26.35 3.30
CA PRO A 505 1.41 -27.46 2.48
C PRO A 505 0.75 -27.09 1.15
N GLU A 506 1.01 -27.85 0.08
CA GLU A 506 0.47 -27.55 -1.25
C GLU A 506 -1.05 -27.56 -1.31
N THR A 507 -1.68 -26.52 -1.90
CA THR A 507 -3.14 -26.42 -1.97
C THR A 507 -3.77 -26.64 -3.34
N LEU A 508 -2.97 -26.95 -4.36
CA LEU A 508 -3.53 -27.10 -5.71
C LEU A 508 -4.28 -28.41 -5.86
N GLY A 509 -5.57 -28.32 -6.20
CA GLY A 509 -6.41 -29.47 -6.37
C GLY A 509 -6.98 -30.06 -5.09
N GLN A 510 -6.71 -29.42 -3.96
CA GLN A 510 -7.23 -29.89 -2.69
C GLN A 510 -8.40 -29.04 -2.21
N PRO A 511 -9.46 -29.66 -1.65
CA PRO A 511 -10.58 -28.81 -1.25
C PRO A 511 -10.25 -28.01 0.00
N LEU A 512 -10.92 -26.88 0.22
CA LEU A 512 -10.59 -26.01 1.35
C LEU A 512 -10.88 -26.71 2.68
N PRO A 513 -10.01 -26.51 3.71
CA PRO A 513 -10.26 -27.26 4.95
C PRO A 513 -11.41 -26.64 5.73
N ASP A 514 -12.20 -27.42 6.48
CA ASP A 514 -13.27 -26.88 7.32
C ASP A 514 -12.93 -26.94 8.81
N THR A 515 -12.06 -27.87 9.22
CA THR A 515 -11.68 -28.05 10.61
C THR A 515 -10.18 -28.12 10.79
N VAL A 516 -9.72 -28.07 12.03
CA VAL A 516 -8.30 -28.25 12.30
C VAL A 516 -7.92 -29.66 11.88
N GLN A 517 -8.80 -30.63 12.15
CA GLN A 517 -8.53 -32.01 11.76
C GLN A 517 -8.05 -32.13 10.32
N ASP A 518 -8.71 -31.40 9.42
CA ASP A 518 -8.35 -31.41 8.01
C ASP A 518 -6.95 -30.86 7.79
N LEU A 519 -6.61 -29.75 8.44
CA LEU A 519 -5.24 -29.28 8.31
C LEU A 519 -4.35 -30.39 8.78
N GLU A 520 -4.71 -31.03 9.88
CA GLU A 520 -3.83 -32.06 10.43
C GLU A 520 -3.67 -33.26 9.51
N SER A 521 -4.75 -33.67 8.86
CA SER A 521 -4.70 -34.80 7.95
C SER A 521 -3.74 -34.47 6.80
N ARG A 522 -3.68 -33.19 6.40
CA ARG A 522 -2.73 -32.77 5.35
C ARG A 522 -1.31 -32.81 5.88
#